data_4HMS
#
_entry.id   4HMS
#
_cell.length_a   57.740
_cell.length_b   63.690
_cell.length_c   133.500
_cell.angle_alpha   90.000
_cell.angle_beta   90.000
_cell.angle_gamma   90.000
#
_symmetry.space_group_name_H-M   'P 21 21 21'
#
loop_
_entity.id
_entity.type
_entity.pdbx_description
1 polymer 'Phenazine biosynthesis protein phzG'
2 non-polymer 'FLAVIN MONONUCLEOTIDE'
3 non-polymer 'SULFATE ION'
4 water water
#
_entity_poly.entity_id   1
_entity_poly.type   'polypeptide(L)'
_entity_poly.pdbx_seq_one_letter_code
;GSHMNGSIQGKPLLGKGMSESLTGTLDAPFPEYQTLPADPMSVLHNWLERARRVGIREPRALALATADSQGRPSTRIVVI
SEISDAGVVFSTHAGSQKGRELLHNPWASGVLYWRETSQQIILNGQAVRLPNAKADDAWLKRPYATHPMSSVSRQSEELQ
DVQAMRNAARQLAELQGPLPRPEGYCVFELRLESLEFWGNGQERLHERLRYDRSDTGWNVRRLQP
;
_entity_poly.pdbx_strand_id   A,B
#
loop_
_chem_comp.id
_chem_comp.type
_chem_comp.name
_chem_comp.formula
FMN non-polymer 'FLAVIN MONONUCLEOTIDE' 'C17 H21 N4 O9 P'
SO4 non-polymer 'SULFATE ION' 'O4 S -2'
#
# COMPACT_ATOMS: atom_id res chain seq x y z
N GLY A 24 -12.00 0.19 -14.49
CA GLY A 24 -12.17 -1.10 -15.17
C GLY A 24 -12.27 -0.91 -16.67
N THR A 25 -11.19 -0.41 -17.24
CA THR A 25 -11.16 -0.01 -18.62
C THR A 25 -10.63 -1.12 -19.57
N LEU A 26 -9.90 -2.10 -19.03
CA LEU A 26 -9.30 -3.19 -19.80
C LEU A 26 -9.90 -4.51 -19.36
N ASP A 27 -9.90 -5.49 -20.27
CA ASP A 27 -10.44 -6.80 -19.96
CA ASP A 27 -10.44 -6.79 -19.95
C ASP A 27 -9.79 -7.39 -18.71
N ALA A 28 -10.61 -8.03 -17.88
CA ALA A 28 -10.14 -8.54 -16.60
C ALA A 28 -10.63 -9.96 -16.30
N PRO A 29 -10.15 -10.93 -17.07
CA PRO A 29 -10.55 -12.32 -16.85
C PRO A 29 -10.11 -12.85 -15.50
N PHE A 30 -10.98 -13.65 -14.86
CA PHE A 30 -10.68 -14.27 -13.56
C PHE A 30 -11.26 -15.71 -13.55
N PRO A 31 -10.83 -16.54 -14.51
CA PRO A 31 -11.37 -17.91 -14.50
C PRO A 31 -10.98 -18.76 -13.26
N GLU A 32 -9.90 -18.35 -12.58
CA GLU A 32 -9.44 -19.08 -11.42
C GLU A 32 -10.49 -19.04 -10.29
N TYR A 33 -11.32 -18.02 -10.27
CA TYR A 33 -12.37 -17.95 -9.27
C TYR A 33 -13.36 -19.10 -9.41
N GLN A 34 -13.55 -19.59 -10.64
CA GLN A 34 -14.41 -20.75 -10.84
C GLN A 34 -13.66 -22.06 -10.66
N THR A 35 -12.43 -22.14 -11.17
CA THR A 35 -11.74 -23.43 -11.26
C THR A 35 -10.90 -23.81 -10.02
N LEU A 36 -10.59 -22.83 -9.19
CA LEU A 36 -9.84 -23.07 -7.95
C LEU A 36 -8.52 -23.82 -8.21
N PRO A 37 -7.60 -23.23 -8.99
CA PRO A 37 -6.29 -23.88 -9.25
C PRO A 37 -5.55 -24.20 -7.93
N ALA A 38 -4.86 -25.35 -7.91
CA ALA A 38 -4.18 -25.78 -6.70
C ALA A 38 -3.00 -24.92 -6.28
N ASP A 39 -2.26 -24.36 -7.26
CA ASP A 39 -0.99 -23.73 -6.97
C ASP A 39 -1.12 -22.20 -7.15
N PRO A 40 -1.18 -21.43 -6.05
CA PRO A 40 -1.36 -19.98 -6.20
C PRO A 40 -0.15 -19.31 -6.82
N MET A 41 1.01 -19.95 -6.81
CA MET A 41 2.18 -19.33 -7.46
CA MET A 41 2.18 -19.34 -7.46
C MET A 41 2.04 -19.36 -8.98
N SER A 42 1.34 -20.36 -9.51
CA SER A 42 1.07 -20.40 -10.92
CA SER A 42 1.07 -20.40 -10.93
C SER A 42 0.07 -19.29 -11.28
N VAL A 43 -0.93 -19.09 -10.43
CA VAL A 43 -1.90 -18.01 -10.59
C VAL A 43 -1.19 -16.65 -10.59
N LEU A 44 -0.30 -16.46 -9.63
CA LEU A 44 0.47 -15.22 -9.54
C LEU A 44 1.27 -14.99 -10.83
N HIS A 45 1.98 -16.01 -11.30
CA HIS A 45 2.73 -15.88 -12.52
C HIS A 45 1.82 -15.46 -13.68
N ASN A 46 0.68 -16.15 -13.78
CA ASN A 46 -0.21 -15.88 -14.89
C ASN A 46 -0.84 -14.46 -14.83
N TRP A 47 -1.24 -14.01 -13.64
CA TRP A 47 -1.75 -12.65 -13.52
C TRP A 47 -0.68 -11.62 -13.91
N LEU A 48 0.55 -11.81 -13.44
CA LEU A 48 1.60 -10.84 -13.75
C LEU A 48 1.93 -10.84 -15.25
N GLU A 49 1.96 -12.01 -15.87
CA GLU A 49 2.23 -12.05 -17.29
C GLU A 49 1.11 -11.37 -18.08
N ARG A 50 -0.14 -11.59 -17.67
CA ARG A 50 -1.26 -10.96 -18.33
C ARG A 50 -1.21 -9.43 -18.15
N ALA A 51 -0.83 -8.98 -16.97
CA ALA A 51 -0.70 -7.54 -16.72
C ALA A 51 0.33 -6.94 -17.68
N ARG A 52 1.45 -7.62 -17.88
CA ARG A 52 2.45 -7.17 -18.87
C ARG A 52 1.88 -7.15 -20.29
N ARG A 53 1.20 -8.21 -20.67
CA ARG A 53 0.70 -8.30 -22.05
C ARG A 53 -0.32 -7.19 -22.34
N VAL A 54 -1.21 -6.88 -21.40
CA VAL A 54 -2.31 -5.97 -21.68
C VAL A 54 -1.94 -4.52 -21.38
N GLY A 55 -0.75 -4.32 -20.84
CA GLY A 55 -0.21 -2.99 -20.68
C GLY A 55 -0.55 -2.26 -19.41
N ILE A 56 -0.78 -2.97 -18.32
CA ILE A 56 -1.03 -2.31 -17.04
CA ILE A 56 -1.03 -2.31 -17.05
C ILE A 56 0.17 -1.41 -16.70
N ARG A 57 -0.11 -0.23 -16.19
CA ARG A 57 0.96 0.73 -15.83
C ARG A 57 1.52 0.39 -14.46
N GLU A 58 2.83 0.15 -14.41
CA GLU A 58 3.54 -0.19 -13.16
C GLU A 58 2.83 -1.27 -12.32
N PRO A 59 2.65 -2.45 -12.92
CA PRO A 59 1.93 -3.47 -12.16
C PRO A 59 2.65 -4.00 -10.94
N ARG A 60 3.98 -3.87 -10.88
CA ARG A 60 4.79 -4.44 -9.81
CA ARG A 60 4.80 -4.45 -9.81
C ARG A 60 5.11 -3.46 -8.69
N ALA A 61 4.42 -2.33 -8.67
CA ALA A 61 4.53 -1.33 -7.61
C ALA A 61 3.76 -1.84 -6.37
N LEU A 62 4.48 -2.41 -5.43
CA LEU A 62 3.93 -3.10 -4.28
C LEU A 62 3.88 -2.15 -3.07
N ALA A 63 2.69 -1.99 -2.49
CA ALA A 63 2.54 -1.24 -1.23
C ALA A 63 2.85 -2.20 -0.08
N LEU A 64 4.07 -2.09 0.44
CA LEU A 64 4.67 -3.02 1.40
C LEU A 64 4.54 -2.52 2.84
N ALA A 65 3.90 -3.32 3.67
CA ALA A 65 3.71 -3.02 5.08
C ALA A 65 4.61 -3.90 5.95
N THR A 66 5.28 -3.25 6.90
CA THR A 66 6.07 -3.88 7.95
C THR A 66 5.52 -3.33 9.26
N ALA A 67 5.99 -3.82 10.40
CA ALA A 67 5.57 -3.22 11.67
C ALA A 67 6.71 -3.19 12.70
N ASP A 68 6.63 -2.23 13.60
CA ASP A 68 7.65 -2.05 14.62
C ASP A 68 7.40 -3.01 15.81
N SER A 69 8.21 -2.89 16.87
CA SER A 69 8.17 -3.82 18.00
CA SER A 69 8.17 -3.85 17.98
C SER A 69 6.92 -3.70 18.85
N GLN A 70 6.15 -2.64 18.65
CA GLN A 70 4.86 -2.43 19.29
C GLN A 70 3.68 -2.88 18.42
N GLY A 71 3.95 -3.33 17.22
CA GLY A 71 2.88 -3.67 16.31
C GLY A 71 2.29 -2.48 15.54
N ARG A 72 3.04 -1.38 15.39
CA ARG A 72 2.56 -0.23 14.60
C ARG A 72 3.02 -0.39 13.16
N PRO A 73 2.09 -0.51 12.22
CA PRO A 73 2.49 -0.71 10.81
C PRO A 73 3.13 0.54 10.22
N SER A 74 3.92 0.32 9.18
CA SER A 74 4.40 1.36 8.28
C SER A 74 4.28 0.84 6.85
N THR A 75 4.16 1.76 5.89
CA THR A 75 3.99 1.43 4.47
C THR A 75 4.87 2.28 3.57
N ARG A 76 5.08 1.77 2.34
CA ARG A 76 5.76 2.49 1.25
C ARG A 76 5.66 1.63 0.03
N ILE A 77 5.92 2.21 -1.16
CA ILE A 77 6.00 1.44 -2.37
C ILE A 77 7.43 0.87 -2.54
N VAL A 78 7.53 -0.41 -2.90
CA VAL A 78 8.76 -1.01 -3.42
C VAL A 78 8.40 -1.76 -4.71
N VAL A 79 9.38 -2.02 -5.57
CA VAL A 79 9.14 -2.76 -6.81
C VAL A 79 9.49 -4.25 -6.64
N ILE A 80 8.58 -5.13 -7.03
CA ILE A 80 8.90 -6.56 -7.08
C ILE A 80 9.85 -6.78 -8.23
N SER A 81 11.04 -7.28 -7.91
CA SER A 81 12.07 -7.48 -8.91
CA SER A 81 12.07 -7.49 -8.91
C SER A 81 12.02 -8.85 -9.57
N GLU A 82 11.51 -9.84 -8.86
CA GLU A 82 11.41 -11.20 -9.37
C GLU A 82 10.43 -11.99 -8.52
N ILE A 83 9.88 -13.02 -9.14
CA ILE A 83 9.07 -13.99 -8.46
C ILE A 83 9.96 -15.22 -8.26
N SER A 84 9.84 -15.84 -7.12
CA SER A 84 10.63 -16.98 -6.79
C SER A 84 9.72 -18.16 -6.47
N ASP A 85 10.32 -19.32 -6.20
CA ASP A 85 9.56 -20.51 -5.82
C ASP A 85 8.73 -20.23 -4.58
N ALA A 86 9.30 -19.54 -3.60
CA ALA A 86 8.63 -19.33 -2.32
C ALA A 86 7.78 -18.03 -2.26
N GLY A 87 7.99 -17.09 -3.18
CA GLY A 87 7.35 -15.81 -3.05
C GLY A 87 7.79 -14.75 -4.05
N VAL A 88 8.07 -13.56 -3.53
CA VAL A 88 8.48 -12.41 -4.35
C VAL A 88 9.70 -11.77 -3.74
N VAL A 89 10.48 -11.09 -4.58
CA VAL A 89 11.78 -10.51 -4.18
C VAL A 89 11.79 -9.02 -4.45
N PHE A 90 12.39 -8.27 -3.53
CA PHE A 90 12.61 -6.84 -3.70
C PHE A 90 13.94 -6.44 -3.09
N SER A 91 14.47 -5.26 -3.45
CA SER A 91 15.68 -4.75 -2.86
CA SER A 91 15.68 -4.76 -2.85
C SER A 91 15.43 -3.47 -2.09
N THR A 92 16.28 -3.19 -1.12
CA THR A 92 16.16 -1.99 -0.31
C THR A 92 17.47 -1.76 0.44
N HIS A 93 17.47 -0.80 1.38
CA HIS A 93 18.61 -0.63 2.29
C HIS A 93 18.30 -1.12 3.68
N ALA A 94 19.21 -1.87 4.26
CA ALA A 94 18.97 -2.51 5.56
C ALA A 94 18.70 -1.48 6.65
N GLY A 95 19.31 -0.30 6.58
CA GLY A 95 19.10 0.69 7.59
C GLY A 95 17.90 1.59 7.41
N SER A 96 17.12 1.38 6.38
CA SER A 96 15.85 2.08 6.20
C SER A 96 14.86 1.70 7.29
N GLN A 97 13.71 2.37 7.31
CA GLN A 97 12.71 1.97 8.30
C GLN A 97 12.23 0.52 8.09
N LYS A 98 11.95 0.17 6.83
CA LYS A 98 11.44 -1.16 6.54
C LYS A 98 12.51 -2.19 6.92
N GLY A 99 13.79 -1.88 6.68
CA GLY A 99 14.87 -2.82 6.96
C GLY A 99 15.01 -3.03 8.46
N ARG A 100 14.94 -1.94 9.22
CA ARG A 100 15.04 -2.02 10.68
CA ARG A 100 15.03 -2.00 10.68
C ARG A 100 13.84 -2.74 11.28
N GLU A 101 12.64 -2.52 10.74
CA GLU A 101 11.46 -3.23 11.23
C GLU A 101 11.56 -4.74 10.90
N LEU A 102 11.95 -5.06 9.67
CA LEU A 102 12.08 -6.47 9.28
C LEU A 102 13.15 -7.23 10.07
N LEU A 103 14.18 -6.53 10.55
CA LEU A 103 15.22 -7.18 11.34
C LEU A 103 14.66 -7.83 12.58
N HIS A 104 13.70 -7.20 13.20
CA HIS A 104 13.11 -7.69 14.44
C HIS A 104 11.76 -8.37 14.27
N ASN A 105 11.05 -8.03 13.21
CA ASN A 105 9.71 -8.59 12.96
C ASN A 105 9.65 -8.94 11.48
N PRO A 106 9.85 -10.20 11.13
CA PRO A 106 9.95 -10.55 9.72
CA PRO A 106 9.95 -10.54 9.71
C PRO A 106 8.61 -10.56 8.96
N TRP A 107 7.49 -10.50 9.67
CA TRP A 107 6.21 -10.56 9.01
C TRP A 107 5.85 -9.30 8.27
N ALA A 108 5.38 -9.47 7.02
CA ALA A 108 5.05 -8.37 6.14
C ALA A 108 3.83 -8.71 5.31
N SER A 109 3.27 -7.68 4.67
CA SER A 109 2.19 -7.85 3.73
C SER A 109 2.34 -6.80 2.67
N GLY A 110 1.97 -7.11 1.43
CA GLY A 110 1.96 -6.13 0.36
C GLY A 110 0.75 -6.30 -0.52
N VAL A 111 0.32 -5.18 -1.12
CA VAL A 111 -0.77 -5.20 -2.08
C VAL A 111 -0.35 -4.57 -3.40
N LEU A 112 -0.68 -5.27 -4.48
CA LEU A 112 -0.67 -4.75 -5.81
C LEU A 112 -2.09 -4.38 -6.20
N TYR A 113 -2.28 -3.21 -6.78
CA TYR A 113 -3.62 -2.78 -7.22
C TYR A 113 -3.53 -2.19 -8.62
N TRP A 114 -4.28 -2.81 -9.54
CA TRP A 114 -4.29 -2.44 -10.95
C TRP A 114 -5.61 -1.74 -11.30
N ARG A 115 -5.57 -0.42 -11.40
CA ARG A 115 -6.76 0.38 -11.66
C ARG A 115 -7.48 -0.06 -12.95
N GLU A 116 -6.68 -0.35 -13.99
CA GLU A 116 -7.22 -0.57 -15.33
C GLU A 116 -8.15 -1.79 -15.39
N THR A 117 -7.85 -2.82 -14.60
CA THR A 117 -8.61 -4.06 -14.62
C THR A 117 -9.40 -4.27 -13.32
N SER A 118 -9.31 -3.31 -12.38
CA SER A 118 -9.96 -3.42 -11.08
CA SER A 118 -9.94 -3.41 -11.07
C SER A 118 -9.59 -4.74 -10.39
N GLN A 119 -8.28 -5.00 -10.27
CA GLN A 119 -7.76 -6.20 -9.62
C GLN A 119 -6.77 -5.88 -8.54
N GLN A 120 -6.78 -6.69 -7.48
CA GLN A 120 -5.75 -6.60 -6.44
C GLN A 120 -5.11 -7.97 -6.26
N ILE A 121 -3.86 -7.94 -5.80
CA ILE A 121 -3.19 -9.13 -5.30
C ILE A 121 -2.62 -8.77 -3.94
N ILE A 122 -2.99 -9.54 -2.93
CA ILE A 122 -2.49 -9.34 -1.56
C ILE A 122 -1.56 -10.52 -1.21
N LEU A 123 -0.39 -10.17 -0.71
CA LEU A 123 0.73 -11.09 -0.48
C LEU A 123 1.15 -11.00 0.98
N ASN A 124 1.04 -12.10 1.74
CA ASN A 124 1.42 -12.09 3.14
C ASN A 124 2.47 -13.15 3.44
N GLY A 125 3.43 -12.82 4.28
CA GLY A 125 4.42 -13.83 4.67
C GLY A 125 5.55 -13.25 5.47
N GLN A 126 6.69 -13.93 5.46
CA GLN A 126 7.88 -13.48 6.16
C GLN A 126 9.00 -13.12 5.19
N ALA A 127 9.54 -11.92 5.35
N ALA A 127 9.66 -12.02 5.47
CA ALA A 127 10.58 -11.39 4.47
CA ALA A 127 10.80 -11.59 4.70
C ALA A 127 11.94 -11.56 5.11
C ALA A 127 12.09 -12.16 5.28
N VAL A 128 12.78 -12.33 4.43
N VAL A 128 12.96 -12.56 4.36
CA VAL A 128 14.11 -12.70 4.89
CA VAL A 128 14.26 -13.09 4.71
C VAL A 128 15.19 -12.14 3.96
C VAL A 128 15.32 -12.36 3.88
N ARG A 129 16.32 -11.79 4.54
CA ARG A 129 17.40 -11.14 3.82
C ARG A 129 18.25 -12.21 3.15
N LEU A 130 18.52 -12.04 1.85
CA LEU A 130 19.31 -13.02 1.10
C LEU A 130 20.79 -12.71 1.22
N PRO A 131 21.66 -13.67 0.82
CA PRO A 131 23.10 -13.46 0.97
C PRO A 131 23.66 -12.36 0.11
N ASN A 132 24.87 -11.93 0.48
CA ASN A 132 25.49 -10.80 -0.18
C ASN A 132 25.78 -11.07 -1.65
N ALA A 133 26.06 -12.33 -2.07
CA ALA A 133 26.28 -12.54 -3.50
C ALA A 133 25.02 -12.22 -4.30
N LYS A 134 23.85 -12.57 -3.77
CA LYS A 134 22.60 -12.19 -4.43
C LYS A 134 22.43 -10.65 -4.50
N ALA A 135 22.78 -9.95 -3.42
CA ALA A 135 22.72 -8.48 -3.43
C ALA A 135 23.70 -7.88 -4.44
N ASP A 136 24.90 -8.47 -4.55
CA ASP A 136 25.86 -7.98 -5.54
C ASP A 136 25.29 -8.04 -6.95
N ASP A 137 24.65 -9.16 -7.28
CA ASP A 137 24.09 -9.34 -8.59
C ASP A 137 22.92 -8.33 -8.84
N ALA A 138 22.04 -8.16 -7.86
CA ALA A 138 20.94 -7.22 -7.98
C ALA A 138 21.44 -5.81 -8.19
N TRP A 139 22.50 -5.44 -7.47
CA TRP A 139 23.06 -4.09 -7.58
C TRP A 139 23.64 -3.86 -8.97
N LEU A 140 24.39 -4.85 -9.46
CA LEU A 140 25.00 -4.75 -10.79
CA LEU A 140 25.02 -4.76 -10.78
C LEU A 140 23.99 -4.72 -11.92
N LYS A 141 22.80 -5.28 -11.69
CA LYS A 141 21.71 -5.30 -12.68
C LYS A 141 20.92 -3.99 -12.77
N ARG A 142 21.10 -3.11 -11.81
CA ARG A 142 20.46 -1.79 -11.88
C ARG A 142 21.18 -0.95 -12.91
N PRO A 143 20.45 -0.02 -13.52
CA PRO A 143 21.13 0.93 -14.38
C PRO A 143 22.20 1.65 -13.55
N TYR A 144 23.39 1.78 -14.13
CA TYR A 144 24.49 2.37 -13.36
C TYR A 144 24.22 3.82 -12.93
N ALA A 145 23.31 4.50 -13.65
CA ALA A 145 22.95 5.89 -13.26
C ALA A 145 22.32 5.95 -11.87
N THR A 146 21.84 4.83 -11.37
CA THR A 146 21.24 4.78 -10.02
C THR A 146 22.29 4.64 -8.92
N HIS A 147 23.51 4.26 -9.29
CA HIS A 147 24.51 3.93 -8.26
C HIS A 147 24.98 5.13 -7.42
N PRO A 148 25.17 6.32 -8.02
CA PRO A 148 25.70 7.44 -7.19
C PRO A 148 24.80 7.82 -5.99
N MET A 149 23.52 8.08 -6.21
CA MET A 149 22.67 8.57 -5.13
C MET A 149 22.45 7.46 -4.09
N SER A 150 22.29 6.23 -4.56
CA SER A 150 22.04 5.11 -3.66
C SER A 150 23.29 4.78 -2.83
N SER A 151 24.46 5.20 -3.30
CA SER A 151 25.71 5.04 -2.57
C SER A 151 25.88 6.14 -1.51
N VAL A 152 25.57 7.39 -1.84
CA VAL A 152 25.75 8.51 -0.91
CA VAL A 152 25.76 8.50 -0.91
C VAL A 152 24.70 8.53 0.20
N SER A 153 23.48 8.16 -0.15
CA SER A 153 22.36 8.28 0.78
C SER A 153 22.38 7.20 1.81
N ARG A 154 21.90 7.50 2.99
CA ARG A 154 21.66 6.52 4.02
C ARG A 154 20.13 6.54 4.19
N GLN A 155 19.46 5.69 3.41
CA GLN A 155 18.01 5.78 3.23
C GLN A 155 17.27 5.91 4.56
N SER A 156 16.42 6.93 4.62
CA SER A 156 15.46 7.17 5.71
C SER A 156 16.03 7.87 6.94
N GLU A 157 17.36 8.05 7.01
CA GLU A 157 17.95 8.87 8.05
CA GLU A 157 17.94 8.88 8.03
C GLU A 157 17.60 10.34 7.71
N GLU A 158 17.72 11.23 8.69
CA GLU A 158 17.43 12.64 8.41
C GLU A 158 18.46 13.17 7.39
N LEU A 159 17.97 13.96 6.44
CA LEU A 159 18.80 14.67 5.48
C LEU A 159 19.02 16.07 6.01
N GLN A 160 20.26 16.33 6.43
CA GLN A 160 20.66 17.59 7.05
C GLN A 160 21.07 18.68 6.05
N ASP A 161 21.49 18.27 4.86
CA ASP A 161 22.05 19.22 3.90
C ASP A 161 21.80 18.66 2.49
N VAL A 162 20.76 19.17 1.87
CA VAL A 162 20.33 18.71 0.57
C VAL A 162 21.44 18.95 -0.47
N GLN A 163 21.97 20.18 -0.52
CA GLN A 163 22.97 20.49 -1.54
C GLN A 163 24.23 19.63 -1.40
N ALA A 164 24.63 19.35 -0.16
CA ALA A 164 25.81 18.51 0.03
C ALA A 164 25.59 17.11 -0.55
N MET A 165 24.42 16.54 -0.33
CA MET A 165 24.15 15.24 -0.90
C MET A 165 24.19 15.32 -2.43
N ARG A 166 23.52 16.33 -2.98
CA ARG A 166 23.46 16.49 -4.43
C ARG A 166 24.87 16.58 -5.01
N ASN A 167 25.74 17.36 -4.37
CA ASN A 167 27.09 17.56 -4.90
C ASN A 167 27.95 16.30 -4.80
N ALA A 168 27.84 15.57 -3.68
CA ALA A 168 28.60 14.32 -3.52
C ALA A 168 28.17 13.30 -4.57
N ALA A 169 26.86 13.16 -4.80
CA ALA A 169 26.38 12.24 -5.81
C ALA A 169 26.89 12.65 -7.20
N ARG A 170 26.89 13.96 -7.50
CA ARG A 170 27.37 14.41 -8.82
C ARG A 170 28.82 14.02 -9.04
N GLN A 171 29.65 14.04 -7.99
CA GLN A 171 31.02 13.61 -8.14
C GLN A 171 31.09 12.14 -8.56
N LEU A 172 30.27 11.30 -7.93
CA LEU A 172 30.23 9.89 -8.31
C LEU A 172 29.64 9.66 -9.71
N ALA A 173 28.66 10.47 -10.10
CA ALA A 173 28.04 10.36 -11.42
C ALA A 173 29.00 10.59 -12.58
N GLU A 174 30.12 11.25 -12.33
CA GLU A 174 31.14 11.47 -13.36
C GLU A 174 31.82 10.14 -13.77
N LEU A 175 31.81 9.15 -12.88
CA LEU A 175 32.51 7.88 -13.14
C LEU A 175 31.80 7.00 -14.14
N GLN A 176 32.48 6.07 -14.78
N GLN A 176 32.59 6.20 -14.85
CA GLN A 176 31.81 5.14 -15.70
CA GLN A 176 32.05 5.20 -15.77
C GLN A 176 30.65 4.34 -15.08
C GLN A 176 31.81 3.89 -15.03
N GLY A 177 30.88 3.81 -13.90
N GLY A 177 30.91 3.09 -15.60
CA GLY A 177 29.95 2.84 -13.36
CA GLY A 177 30.67 1.73 -15.15
C GLY A 177 30.27 1.49 -13.97
C GLY A 177 30.01 1.64 -13.80
N PRO A 178 29.93 0.42 -13.28
CA PRO A 178 29.25 0.29 -12.00
C PRO A 178 30.12 0.73 -10.81
N LEU A 179 29.47 1.18 -9.75
CA LEU A 179 30.14 1.39 -8.47
C LEU A 179 30.05 0.14 -7.61
N PRO A 180 30.90 0.07 -6.59
CA PRO A 180 30.77 -1.02 -5.62
C PRO A 180 29.40 -1.03 -4.96
N ARG A 181 28.89 -2.19 -4.59
CA ARG A 181 27.66 -2.26 -3.80
C ARG A 181 27.89 -1.64 -2.43
N PRO A 182 27.06 -0.67 -2.03
CA PRO A 182 27.20 -0.13 -0.69
C PRO A 182 26.76 -1.17 0.36
N GLU A 183 27.36 -1.32 1.54
N GLU A 183 27.49 -1.05 1.47
CA GLU A 183 27.15 -2.58 2.37
CA GLU A 183 27.07 -1.47 2.77
C GLU A 183 25.72 -3.03 2.83
C GLU A 183 25.65 -1.02 2.96
N GLY A 184 24.91 -2.05 3.11
CA GLY A 184 23.50 -2.07 3.49
C GLY A 184 22.55 -2.26 2.34
N TYR A 185 22.97 -2.17 1.09
CA TYR A 185 22.06 -2.53 -0.01
CA TYR A 185 22.06 -2.52 -0.01
C TYR A 185 21.80 -4.02 0.05
N CYS A 186 20.55 -4.39 0.14
CA CYS A 186 20.19 -5.78 0.40
CA CYS A 186 20.19 -5.78 0.40
C CYS A 186 18.96 -6.21 -0.39
N VAL A 187 18.80 -7.53 -0.48
CA VAL A 187 17.67 -8.15 -1.18
C VAL A 187 16.91 -8.98 -0.19
N PHE A 188 15.59 -8.81 -0.19
CA PHE A 188 14.69 -9.62 0.65
C PHE A 188 13.82 -10.54 -0.22
N GLU A 189 13.54 -11.72 0.31
CA GLU A 189 12.55 -12.63 -0.26
C GLU A 189 11.37 -12.70 0.70
N LEU A 190 10.21 -12.27 0.21
CA LEU A 190 8.95 -12.38 0.96
C LEU A 190 8.41 -13.78 0.67
N ARG A 191 8.62 -14.68 1.64
CA ARG A 191 8.22 -16.09 1.57
C ARG A 191 6.76 -16.20 1.98
N LEU A 192 5.91 -16.51 1.02
CA LEU A 192 4.47 -16.35 1.21
C LEU A 192 3.83 -17.45 2.05
N GLU A 193 2.91 -17.02 2.93
CA GLU A 193 2.09 -17.92 3.73
C GLU A 193 0.61 -17.82 3.30
N SER A 194 0.21 -16.71 2.69
CA SER A 194 -1.15 -16.55 2.16
C SER A 194 -1.13 -15.55 1.02
N LEU A 195 -2.11 -15.69 0.13
CA LEU A 195 -2.33 -14.76 -0.98
C LEU A 195 -3.81 -14.57 -1.16
N GLU A 196 -4.22 -13.41 -1.66
CA GLU A 196 -5.57 -13.21 -2.14
C GLU A 196 -5.54 -12.55 -3.50
N PHE A 197 -6.32 -13.11 -4.42
CA PHE A 197 -6.58 -12.55 -5.74
C PHE A 197 -7.98 -11.96 -5.71
N TRP A 198 -8.10 -10.68 -6.05
CA TRP A 198 -9.35 -9.92 -5.98
C TRP A 198 -9.70 -9.37 -7.37
N GLY A 199 -10.95 -9.55 -7.77
CA GLY A 199 -11.47 -8.93 -8.97
C GLY A 199 -12.82 -8.33 -8.71
N ASN A 200 -13.25 -7.43 -9.58
CA ASN A 200 -14.45 -6.64 -9.32
C ASN A 200 -15.73 -7.46 -9.43
N GLY A 201 -15.71 -8.54 -10.22
CA GLY A 201 -16.88 -9.40 -10.34
C GLY A 201 -18.05 -8.74 -11.01
N GLN A 202 -19.23 -9.35 -10.82
CA GLN A 202 -20.47 -8.88 -11.40
CA GLN A 202 -20.48 -8.87 -11.40
C GLN A 202 -21.46 -8.55 -10.28
N GLU A 203 -22.27 -7.51 -10.47
CA GLU A 203 -23.31 -7.12 -9.49
C GLU A 203 -22.76 -6.84 -8.12
N ARG A 204 -21.53 -6.35 -8.09
CA ARG A 204 -20.83 -6.00 -6.86
CA ARG A 204 -20.83 -5.99 -6.85
C ARG A 204 -20.46 -7.20 -5.98
N LEU A 205 -20.64 -8.41 -6.53
CA LEU A 205 -20.17 -9.61 -5.83
C LEU A 205 -18.70 -9.74 -6.18
N HIS A 206 -17.89 -8.95 -5.49
CA HIS A 206 -16.48 -8.93 -5.78
C HIS A 206 -15.93 -10.34 -5.52
N GLU A 207 -14.97 -10.73 -6.35
CA GLU A 207 -14.48 -12.08 -6.39
C GLU A 207 -13.13 -12.16 -5.67
N ARG A 208 -13.11 -12.93 -4.61
CA ARG A 208 -11.97 -13.02 -3.69
C ARG A 208 -11.59 -14.48 -3.56
N LEU A 209 -10.37 -14.77 -4.02
CA LEU A 209 -9.80 -16.11 -3.98
C LEU A 209 -8.61 -16.11 -3.03
N ARG A 210 -8.75 -16.82 -1.93
CA ARG A 210 -7.80 -16.78 -0.81
C ARG A 210 -7.06 -18.10 -0.63
N TYR A 211 -5.73 -18.08 -0.61
CA TYR A 211 -4.90 -19.24 -0.43
C TYR A 211 -4.16 -19.14 0.91
N ASP A 212 -4.00 -20.29 1.59
CA ASP A 212 -3.26 -20.39 2.83
C ASP A 212 -2.36 -21.62 2.79
N ARG A 213 -1.08 -21.46 3.11
CA ARG A 213 -0.14 -22.58 3.02
C ARG A 213 -0.46 -23.59 4.08
N SER A 214 -0.31 -24.86 3.71
CA SER A 214 -0.50 -25.97 4.63
C SER A 214 0.80 -26.74 4.71
N ASP A 215 0.84 -27.73 5.60
CA ASP A 215 1.97 -28.63 5.71
C ASP A 215 2.26 -29.29 4.37
N THR A 216 1.21 -29.68 3.66
CA THR A 216 1.35 -30.48 2.43
C THR A 216 1.18 -29.71 1.12
N GLY A 217 0.78 -28.44 1.17
CA GLY A 217 0.60 -27.68 -0.06
C GLY A 217 -0.08 -26.37 0.26
N TRP A 218 -1.28 -26.19 -0.30
CA TRP A 218 -2.04 -24.96 -0.13
C TRP A 218 -3.51 -25.31 -0.02
N ASN A 219 -4.19 -24.61 0.87
CA ASN A 219 -5.65 -24.62 0.90
C ASN A 219 -6.19 -23.37 0.20
N VAL A 220 -7.41 -23.47 -0.33
CA VAL A 220 -8.03 -22.39 -1.09
C VAL A 220 -9.48 -22.26 -0.68
N ARG A 221 -9.96 -21.02 -0.61
CA ARG A 221 -11.34 -20.73 -0.34
C ARG A 221 -11.73 -19.42 -1.05
N ARG A 222 -13.02 -19.20 -1.18
CA ARG A 222 -13.57 -17.92 -1.62
C ARG A 222 -13.95 -17.11 -0.39
N LEU A 223 -13.81 -15.79 -0.45
CA LEU A 223 -14.23 -14.91 0.66
C LEU A 223 -15.39 -14.01 0.26
N GLN A 224 -16.22 -13.71 1.25
CA GLN A 224 -17.33 -12.80 1.03
C GLN A 224 -16.83 -11.36 0.79
N PRO A 225 -17.45 -10.63 -0.15
CA PRO A 225 -16.95 -9.32 -0.56
C PRO A 225 -17.11 -8.22 0.44
N GLU B 20 14.77 1.04 -15.29
CA GLU B 20 14.11 2.02 -14.43
C GLU B 20 12.60 1.88 -14.48
N SER B 21 12.00 1.78 -13.30
CA SER B 21 10.61 1.44 -13.20
C SER B 21 9.54 2.57 -13.26
N LEU B 22 9.90 3.81 -12.83
CA LEU B 22 8.96 4.96 -12.79
C LEU B 22 8.58 5.56 -14.12
N THR B 23 7.28 5.65 -14.28
CA THR B 23 6.73 6.06 -15.56
C THR B 23 6.17 7.48 -15.58
N GLY B 24 6.09 8.11 -14.41
CA GLY B 24 5.45 9.41 -14.36
C GLY B 24 6.10 10.49 -15.20
N THR B 25 5.27 11.35 -15.82
CA THR B 25 5.80 12.43 -16.66
C THR B 25 5.18 13.77 -16.42
N LEU B 26 4.19 13.85 -15.52
CA LEU B 26 3.52 15.13 -15.26
C LEU B 26 4.27 15.92 -14.20
N ASP B 27 4.44 17.20 -14.44
CA ASP B 27 5.02 18.10 -13.48
C ASP B 27 4.25 18.02 -12.17
N ALA B 28 5.01 17.98 -11.09
CA ALA B 28 4.48 17.77 -9.76
C ALA B 28 5.18 18.75 -8.79
N PRO B 29 4.74 20.00 -8.80
CA PRO B 29 5.34 21.02 -7.93
C PRO B 29 5.37 20.61 -6.47
N PHE B 30 6.51 20.84 -5.82
CA PHE B 30 6.70 20.45 -4.43
C PHE B 30 7.47 21.58 -3.73
N PRO B 31 6.88 22.79 -3.72
CA PRO B 31 7.56 23.86 -2.98
C PRO B 31 7.67 23.61 -1.50
N GLU B 32 6.78 22.75 -0.99
CA GLU B 32 6.76 22.45 0.44
C GLU B 32 8.05 21.78 0.90
N TYR B 33 8.75 21.09 0.01
CA TYR B 33 10.03 20.48 0.34
C TYR B 33 11.05 21.59 0.70
N GLN B 34 10.92 22.75 0.06
CA GLN B 34 11.79 23.88 0.35
CA GLN B 34 11.80 23.89 0.36
C GLN B 34 11.29 24.71 1.53
N THR B 35 9.98 24.91 1.62
CA THR B 35 9.42 25.87 2.57
C THR B 35 9.10 25.29 3.94
N LEU B 36 8.98 23.96 4.04
CA LEU B 36 8.72 23.24 5.30
C LEU B 36 7.52 23.83 6.07
N PRO B 37 6.33 23.78 5.46
CA PRO B 37 5.17 24.30 6.20
C PRO B 37 4.96 23.64 7.58
N ALA B 38 4.56 24.40 8.59
CA ALA B 38 4.40 23.89 9.95
C ALA B 38 3.24 22.96 10.10
N ASP B 39 2.29 23.00 9.16
CA ASP B 39 0.99 22.33 9.34
C ASP B 39 0.79 21.35 8.17
N PRO B 40 1.09 20.05 8.37
CA PRO B 40 1.12 19.09 7.24
C PRO B 40 -0.24 18.87 6.56
N MET B 41 -1.36 19.08 7.25
CA MET B 41 -2.64 18.88 6.59
C MET B 41 -2.82 19.85 5.42
N SER B 42 -2.16 21.02 5.43
CA SER B 42 -2.25 21.93 4.31
C SER B 42 -1.53 21.36 3.08
N VAL B 43 -0.46 20.62 3.33
CA VAL B 43 0.29 19.98 2.23
C VAL B 43 -0.57 18.86 1.64
N LEU B 44 -1.22 18.06 2.49
CA LEU B 44 -2.13 17.02 2.06
C LEU B 44 -3.26 17.59 1.20
N HIS B 45 -3.85 18.71 1.64
CA HIS B 45 -4.91 19.37 0.86
CA HIS B 45 -4.88 19.37 0.85
C HIS B 45 -4.32 19.85 -0.48
N ASN B 46 -3.13 20.44 -0.47
CA ASN B 46 -2.56 20.95 -1.72
C ASN B 46 -2.36 19.83 -2.71
N TRP B 47 -1.78 18.73 -2.25
CA TRP B 47 -1.48 17.62 -3.16
C TRP B 47 -2.75 16.97 -3.72
N LEU B 48 -3.72 16.73 -2.83
CA LEU B 48 -5.00 16.16 -3.29
C LEU B 48 -5.74 17.05 -4.26
N GLU B 49 -5.76 18.36 -4.00
CA GLU B 49 -6.41 19.28 -4.92
CA GLU B 49 -6.41 19.28 -4.91
C GLU B 49 -5.74 19.27 -6.28
N ARG B 50 -4.40 19.27 -6.30
CA ARG B 50 -3.72 19.20 -7.58
C ARG B 50 -4.01 17.92 -8.28
N ALA B 51 -4.06 16.82 -7.52
CA ALA B 51 -4.37 15.52 -8.15
C ALA B 51 -5.73 15.57 -8.84
N ARG B 52 -6.69 16.19 -8.17
CA ARG B 52 -8.01 16.35 -8.76
C ARG B 52 -7.96 17.18 -10.05
N ARG B 53 -7.29 18.32 -9.98
CA ARG B 53 -7.24 19.25 -11.11
C ARG B 53 -6.51 18.69 -12.33
N VAL B 54 -5.47 17.86 -12.15
CA VAL B 54 -4.74 17.32 -13.28
C VAL B 54 -5.30 15.98 -13.74
N GLY B 55 -6.26 15.40 -13.01
CA GLY B 55 -6.91 14.19 -13.48
C GLY B 55 -6.18 12.90 -13.15
N ILE B 56 -5.49 12.85 -12.02
CA ILE B 56 -4.91 11.60 -11.56
C ILE B 56 -6.02 10.54 -11.45
N ARG B 57 -5.73 9.32 -11.89
CA ARG B 57 -6.70 8.26 -11.76
C ARG B 57 -6.75 7.68 -10.36
N GLU B 58 -7.92 7.77 -9.72
CA GLU B 58 -8.19 7.22 -8.39
C GLU B 58 -7.09 7.62 -7.36
N PRO B 59 -6.92 8.91 -7.13
CA PRO B 59 -5.85 9.31 -6.24
C PRO B 59 -6.07 8.86 -4.79
N ARG B 60 -7.34 8.65 -4.39
CA ARG B 60 -7.65 8.34 -3.00
CA ARG B 60 -7.68 8.35 -3.00
C ARG B 60 -7.74 6.85 -2.68
N ALA B 61 -7.24 5.99 -3.60
CA ALA B 61 -7.15 4.57 -3.36
C ALA B 61 -5.95 4.30 -2.45
N LEU B 62 -6.23 4.05 -1.18
CA LEU B 62 -5.25 3.93 -0.11
C LEU B 62 -4.91 2.49 0.19
N ALA B 63 -3.64 2.11 0.08
CA ALA B 63 -3.21 0.78 0.45
C ALA B 63 -3.04 0.81 1.98
N LEU B 64 -4.03 0.26 2.70
CA LEU B 64 -4.13 0.38 4.15
C LEU B 64 -3.60 -0.87 4.85
N ALA B 65 -2.65 -0.67 5.74
CA ALA B 65 -2.09 -1.75 6.56
C ALA B 65 -2.58 -1.68 7.99
N THR B 66 -2.97 -2.84 8.48
CA THR B 66 -3.31 -3.05 9.89
C THR B 66 -2.43 -4.20 10.39
N ALA B 67 -2.52 -4.54 11.66
CA ALA B 67 -1.72 -5.66 12.16
C ALA B 67 -2.50 -6.50 13.15
N ASP B 68 -2.23 -7.81 13.12
CA ASP B 68 -2.88 -8.76 14.05
C ASP B 68 -2.29 -8.70 15.45
N SER B 69 -2.77 -9.59 16.32
CA SER B 69 -2.39 -9.54 17.74
CA SER B 69 -2.39 -9.54 17.74
C SER B 69 -0.89 -9.79 17.99
N GLN B 70 -0.21 -10.41 17.03
CA GLN B 70 1.22 -10.64 17.12
C GLN B 70 2.05 -9.64 16.32
N GLY B 71 1.41 -8.60 15.78
CA GLY B 71 2.11 -7.61 14.97
C GLY B 71 2.38 -8.01 13.55
N ARG B 72 1.60 -8.96 13.02
CA ARG B 72 1.77 -9.38 11.61
C ARG B 72 0.86 -8.53 10.74
N PRO B 73 1.42 -7.77 9.79
CA PRO B 73 0.60 -6.87 8.97
C PRO B 73 -0.32 -7.58 7.99
N SER B 74 -1.40 -6.88 7.61
CA SER B 74 -2.25 -7.24 6.47
C SER B 74 -2.52 -5.96 5.70
N THR B 75 -2.86 -6.09 4.42
CA THR B 75 -3.05 -4.95 3.52
C THR B 75 -4.26 -5.17 2.62
N ARG B 76 -4.78 -4.07 2.07
CA ARG B 76 -5.87 -4.07 1.07
C ARG B 76 -6.10 -2.61 0.68
N ILE B 77 -6.76 -2.38 -0.44
CA ILE B 77 -7.17 -1.02 -0.82
C ILE B 77 -8.49 -0.63 -0.14
N VAL B 78 -8.53 0.58 0.40
CA VAL B 78 -9.78 1.24 0.76
C VAL B 78 -9.76 2.66 0.18
N VAL B 79 -10.93 3.30 0.03
CA VAL B 79 -10.98 4.67 -0.48
C VAL B 79 -11.11 5.65 0.66
N ILE B 80 -10.28 6.71 0.61
CA ILE B 80 -10.48 7.80 1.54
C ILE B 80 -11.71 8.61 1.11
N SER B 81 -12.68 8.71 2.01
CA SER B 81 -13.96 9.36 1.69
CA SER B 81 -13.95 9.37 1.68
C SER B 81 -13.98 10.82 2.09
N GLU B 82 -13.13 11.18 3.07
CA GLU B 82 -13.06 12.55 3.58
CA GLU B 82 -13.08 12.54 3.59
C GLU B 82 -11.73 12.82 4.18
N ILE B 83 -11.33 14.08 4.14
CA ILE B 83 -10.19 14.58 4.88
C ILE B 83 -10.73 15.36 6.07
N SER B 84 -10.36 14.98 7.27
CA SER B 84 -10.89 15.63 8.49
C SER B 84 -9.80 16.54 9.11
N ASP B 85 -10.09 17.20 10.20
CA ASP B 85 -9.07 18.07 10.82
C ASP B 85 -7.89 17.23 11.30
N ALA B 86 -8.18 16.03 11.79
CA ALA B 86 -7.19 15.15 12.42
C ALA B 86 -6.56 14.13 11.48
N GLY B 87 -7.14 13.92 10.32
CA GLY B 87 -6.63 12.84 9.47
C GLY B 87 -7.50 12.54 8.24
N VAL B 88 -7.72 11.24 8.02
CA VAL B 88 -8.50 10.78 6.87
C VAL B 88 -9.54 9.76 7.32
N VAL B 89 -10.63 9.69 6.58
CA VAL B 89 -11.77 8.86 6.90
C VAL B 89 -12.04 7.83 5.83
N PHE B 90 -12.44 6.63 6.24
CA PHE B 90 -12.84 5.56 5.32
C PHE B 90 -13.93 4.74 5.99
N SER B 91 -14.69 3.99 5.19
CA SER B 91 -15.73 3.08 5.70
CA SER B 91 -15.72 3.08 5.73
C SER B 91 -15.36 1.62 5.41
N THR B 92 -15.85 0.72 6.25
CA THR B 92 -15.63 -0.70 6.04
C THR B 92 -16.64 -1.50 6.90
N HIS B 93 -16.45 -2.79 7.01
CA HIS B 93 -17.25 -3.64 7.89
C HIS B 93 -16.45 -4.01 9.12
N ALA B 94 -17.06 -3.83 10.29
CA ALA B 94 -16.35 -4.11 11.54
C ALA B 94 -15.85 -5.56 11.66
N GLY B 95 -16.59 -6.49 11.06
CA GLY B 95 -16.26 -7.90 11.12
C GLY B 95 -15.24 -8.37 10.09
N SER B 96 -14.80 -7.49 9.21
CA SER B 96 -13.75 -7.83 8.22
C SER B 96 -12.43 -8.05 8.94
N GLN B 97 -11.40 -8.48 8.19
CA GLN B 97 -10.10 -8.63 8.85
C GLN B 97 -9.55 -7.28 9.35
N LYS B 98 -9.64 -6.24 8.54
CA LYS B 98 -9.10 -4.92 8.95
C LYS B 98 -9.89 -4.41 10.16
N GLY B 99 -11.19 -4.69 10.20
CA GLY B 99 -12.01 -4.20 11.29
C GLY B 99 -11.66 -4.89 12.60
N ARG B 100 -11.51 -6.22 12.53
CA ARG B 100 -11.14 -6.98 13.70
CA ARG B 100 -11.13 -6.98 13.71
C ARG B 100 -9.73 -6.59 14.17
N GLU B 101 -8.82 -6.37 13.22
CA GLU B 101 -7.48 -5.96 13.63
C GLU B 101 -7.48 -4.59 14.28
N LEU B 102 -8.20 -3.63 13.73
CA LEU B 102 -8.23 -2.27 14.28
C LEU B 102 -8.91 -2.20 15.64
N LEU B 103 -9.89 -3.05 15.87
CA LEU B 103 -10.58 -3.06 17.17
C LEU B 103 -9.62 -3.44 18.30
N HIS B 104 -8.65 -4.28 17.99
CA HIS B 104 -7.68 -4.74 18.99
C HIS B 104 -6.39 -3.87 19.03
N ASN B 105 -5.98 -3.34 17.88
CA ASN B 105 -4.74 -2.55 17.74
C ASN B 105 -5.11 -1.41 16.77
N PRO B 106 -5.30 -0.20 17.27
CA PRO B 106 -5.77 0.90 16.45
CA PRO B 106 -5.78 0.89 16.43
C PRO B 106 -4.73 1.46 15.48
N TRP B 107 -3.47 1.05 15.63
CA TRP B 107 -2.43 1.63 14.77
C TRP B 107 -2.50 1.09 13.35
N ALA B 108 -2.37 2.00 12.38
CA ALA B 108 -2.47 1.66 10.98
C ALA B 108 -1.56 2.59 10.18
N SER B 109 -1.30 2.20 8.94
CA SER B 109 -0.53 3.03 8.00
C SER B 109 -1.12 2.81 6.63
N GLY B 110 -1.22 3.86 5.83
CA GLY B 110 -1.63 3.70 4.45
C GLY B 110 -0.78 4.51 3.50
N VAL B 111 -0.69 4.04 2.26
CA VAL B 111 0.08 4.74 1.24
C VAL B 111 -0.78 5.00 0.00
N LEU B 112 -0.74 6.25 -0.46
CA LEU B 112 -1.26 6.68 -1.76
C LEU B 112 -0.06 6.75 -2.72
N TYR B 113 -0.24 6.29 -3.96
CA TYR B 113 0.81 6.37 -4.95
C TYR B 113 0.18 6.76 -6.29
N TRP B 114 0.67 7.85 -6.85
CA TRP B 114 0.17 8.43 -8.10
C TRP B 114 1.21 8.24 -9.19
N ARG B 115 0.99 7.25 -10.06
CA ARG B 115 1.94 6.93 -11.10
C ARG B 115 2.23 8.11 -12.03
N GLU B 116 1.22 8.94 -12.32
CA GLU B 116 1.36 9.97 -13.35
C GLU B 116 2.37 11.06 -12.95
N THR B 117 2.47 11.34 -11.63
CA THR B 117 3.35 12.39 -11.12
C THR B 117 4.53 11.83 -10.32
N SER B 118 4.59 10.51 -10.16
CA SER B 118 5.60 9.87 -9.28
C SER B 118 5.58 10.47 -7.86
N GLN B 119 4.41 10.46 -7.24
CA GLN B 119 4.24 10.97 -5.88
C GLN B 119 3.67 9.87 -4.97
N GLN B 120 4.17 9.85 -3.74
CA GLN B 120 3.57 9.01 -2.70
C GLN B 120 3.23 9.84 -1.49
N ILE B 121 2.20 9.42 -0.78
CA ILE B 121 1.83 10.01 0.48
C ILE B 121 1.67 8.84 1.46
N ILE B 122 2.39 8.91 2.57
CA ILE B 122 2.32 7.89 3.61
C ILE B 122 1.68 8.50 4.84
N LEU B 123 0.63 7.80 5.34
CA LEU B 123 -0.22 8.31 6.41
C LEU B 123 -0.23 7.30 7.55
N ASN B 124 0.28 7.70 8.74
CA ASN B 124 0.41 6.83 9.90
C ASN B 124 -0.38 7.37 11.08
N GLY B 125 -1.11 6.51 11.77
CA GLY B 125 -1.80 6.98 12.96
C GLY B 125 -2.66 5.92 13.60
N GLN B 126 -3.64 6.39 14.39
CA GLN B 126 -4.54 5.48 15.11
C GLN B 126 -5.95 5.67 14.55
N ALA B 127 -6.60 4.57 14.19
N ALA B 127 -6.58 4.53 14.28
CA ALA B 127 -7.94 4.67 13.62
CA ALA B 127 -7.95 4.48 13.83
C ALA B 127 -9.00 4.38 14.68
C ALA B 127 -8.89 4.55 15.00
N VAL B 128 -9.94 5.34 14.84
CA VAL B 128 -11.03 5.34 15.82
C VAL B 128 -12.36 5.15 15.07
N ARG B 129 -13.19 4.23 15.57
CA ARG B 129 -14.52 4.01 15.01
C ARG B 129 -15.39 5.21 15.42
N LEU B 130 -15.99 5.86 14.42
CA LEU B 130 -16.88 6.99 14.66
C LEU B 130 -18.29 6.53 15.06
N PRO B 131 -19.04 7.45 15.67
CA PRO B 131 -20.39 7.08 16.15
C PRO B 131 -21.34 6.55 15.08
N ASN B 132 -22.34 5.79 15.50
CA ASN B 132 -23.29 5.24 14.54
C ASN B 132 -24.02 6.30 13.69
N ALA B 133 -24.27 7.49 14.26
CA ALA B 133 -24.89 8.55 13.48
C ALA B 133 -24.05 8.88 12.20
N LYS B 134 -22.73 8.89 12.36
CA LYS B 134 -21.83 9.11 11.26
C LYS B 134 -21.90 7.95 10.23
N ALA B 135 -21.96 6.71 10.72
CA ALA B 135 -22.07 5.58 9.83
C ALA B 135 -23.41 5.62 9.08
N ASP B 136 -24.48 6.02 9.77
CA ASP B 136 -25.79 6.11 9.12
C ASP B 136 -25.73 7.09 7.95
N ASP B 137 -25.11 8.25 8.18
CA ASP B 137 -25.00 9.25 7.13
CA ASP B 137 -24.99 9.25 7.14
C ASP B 137 -24.13 8.76 5.98
N ALA B 138 -23.00 8.11 6.30
CA ALA B 138 -22.13 7.62 5.26
C ALA B 138 -22.83 6.53 4.43
N TRP B 139 -23.55 5.64 5.09
CA TRP B 139 -24.28 4.59 4.39
C TRP B 139 -25.28 5.18 3.39
N LEU B 140 -26.03 6.20 3.84
CA LEU B 140 -27.07 6.80 3.02
C LEU B 140 -26.48 7.56 1.83
N LYS B 141 -25.25 8.02 1.99
CA LYS B 141 -24.56 8.75 0.92
C LYS B 141 -24.03 7.83 -0.17
N ARG B 142 -23.85 6.54 0.13
CA ARG B 142 -23.45 5.59 -0.90
CA ARG B 142 -23.44 5.60 -0.90
C ARG B 142 -24.61 5.42 -1.87
N PRO B 143 -24.30 5.20 -3.14
CA PRO B 143 -25.42 4.93 -4.06
C PRO B 143 -26.21 3.73 -3.59
N TYR B 144 -27.54 3.77 -3.70
CA TYR B 144 -28.36 2.69 -3.12
C TYR B 144 -28.14 1.35 -3.81
N ALA B 145 -27.64 1.36 -5.04
CA ALA B 145 -27.30 0.10 -5.71
C ALA B 145 -26.22 -0.68 -5.00
N THR B 146 -25.45 -0.01 -4.14
CA THR B 146 -24.42 -0.72 -3.37
C THR B 146 -25.00 -1.40 -2.12
N HIS B 147 -26.22 -1.05 -1.75
CA HIS B 147 -26.73 -1.53 -0.47
C HIS B 147 -27.03 -3.06 -0.39
N PRO B 148 -27.61 -3.64 -1.45
CA PRO B 148 -27.96 -5.07 -1.33
C PRO B 148 -26.76 -5.98 -1.03
N MET B 149 -25.67 -5.86 -1.79
CA MET B 149 -24.55 -6.79 -1.58
C MET B 149 -23.85 -6.49 -0.26
N SER B 150 -23.74 -5.22 0.09
CA SER B 150 -23.07 -4.84 1.34
C SER B 150 -23.88 -5.25 2.55
N SER B 151 -25.18 -5.48 2.35
CA SER B 151 -26.03 -5.97 3.41
C SER B 151 -25.96 -7.49 3.59
N VAL B 152 -25.95 -8.23 2.50
CA VAL B 152 -25.95 -9.68 2.58
CA VAL B 152 -25.96 -9.68 2.59
C VAL B 152 -24.57 -10.23 2.94
N SER B 153 -23.52 -9.57 2.47
CA SER B 153 -22.17 -10.08 2.67
C SER B 153 -21.65 -9.86 4.09
N ARG B 154 -21.04 -10.89 4.68
CA ARG B 154 -20.26 -10.72 5.91
C ARG B 154 -18.77 -10.68 5.50
N GLN B 155 -18.34 -9.47 5.18
CA GLN B 155 -17.05 -9.24 4.55
C GLN B 155 -15.95 -10.05 5.17
N SER B 156 -15.25 -10.81 4.31
CA SER B 156 -14.04 -11.56 4.65
C SER B 156 -14.25 -12.91 5.33
N GLU B 157 -15.48 -13.24 5.70
CA GLU B 157 -15.78 -14.63 6.08
C GLU B 157 -15.77 -15.51 4.84
N GLU B 158 -15.65 -16.83 5.01
CA GLU B 158 -15.67 -17.70 3.86
C GLU B 158 -17.02 -17.63 3.14
N LEU B 159 -16.97 -17.60 1.81
CA LEU B 159 -18.14 -17.60 0.95
C LEU B 159 -18.39 -19.06 0.55
N GLN B 160 -19.50 -19.65 1.05
CA GLN B 160 -19.80 -21.06 0.79
C GLN B 160 -20.53 -21.33 -0.53
N ASP B 161 -21.33 -20.37 -0.96
CA ASP B 161 -22.24 -20.58 -2.12
C ASP B 161 -22.40 -19.25 -2.84
N VAL B 162 -21.66 -19.08 -3.94
CA VAL B 162 -21.67 -17.81 -4.68
C VAL B 162 -23.08 -17.51 -5.19
N GLN B 163 -23.73 -18.50 -5.77
CA GLN B 163 -25.08 -18.29 -6.33
C GLN B 163 -26.09 -17.91 -5.27
N ALA B 164 -25.98 -18.47 -4.06
CA ALA B 164 -26.93 -18.11 -3.01
C ALA B 164 -26.78 -16.66 -2.61
N MET B 165 -25.54 -16.17 -2.55
CA MET B 165 -25.32 -14.77 -2.18
C MET B 165 -25.85 -13.87 -3.31
N ARG B 166 -25.58 -14.25 -4.55
CA ARG B 166 -26.05 -13.50 -5.70
C ARG B 166 -27.60 -13.41 -5.70
N ASN B 167 -28.26 -14.54 -5.45
CA ASN B 167 -29.71 -14.58 -5.52
C ASN B 167 -30.33 -13.78 -4.37
N ALA B 168 -29.73 -13.88 -3.19
CA ALA B 168 -30.21 -13.10 -2.05
C ALA B 168 -30.10 -11.61 -2.30
N ALA B 169 -28.94 -11.16 -2.81
CA ALA B 169 -28.78 -9.73 -3.08
C ALA B 169 -29.77 -9.25 -4.15
N ARG B 170 -29.99 -10.07 -5.17
CA ARG B 170 -30.93 -9.70 -6.23
C ARG B 170 -32.34 -9.48 -5.65
N GLN B 171 -32.76 -10.33 -4.71
CA GLN B 171 -34.06 -10.16 -4.09
C GLN B 171 -34.13 -8.83 -3.32
N LEU B 172 -33.05 -8.46 -2.60
CA LEU B 172 -33.07 -7.17 -1.86
C LEU B 172 -33.06 -5.98 -2.80
N ALA B 173 -32.45 -6.17 -3.95
CA ALA B 173 -32.26 -5.08 -4.90
C ALA B 173 -33.56 -4.71 -5.56
N GLU B 174 -34.60 -5.52 -5.42
CA GLU B 174 -35.88 -5.19 -6.05
C GLU B 174 -36.43 -3.85 -5.55
N LEU B 175 -36.14 -3.51 -4.30
CA LEU B 175 -36.60 -2.24 -3.72
C LEU B 175 -36.21 -1.00 -4.54
N GLN B 176 -35.00 -0.99 -5.08
CA GLN B 176 -34.60 0.14 -5.91
C GLN B 176 -34.64 1.45 -5.09
N GLY B 177 -34.14 1.37 -3.86
CA GLY B 177 -34.03 2.51 -2.97
C GLY B 177 -33.19 2.07 -1.79
N PRO B 178 -32.96 2.99 -0.83
CA PRO B 178 -32.01 2.75 0.28
C PRO B 178 -32.53 1.70 1.27
N LEU B 179 -31.62 0.88 1.79
CA LEU B 179 -31.88 -0.10 2.81
C LEU B 179 -31.31 0.42 4.11
N PRO B 180 -31.73 -0.17 5.23
CA PRO B 180 -31.16 0.21 6.53
C PRO B 180 -29.68 -0.12 6.56
N ARG B 181 -28.93 0.67 7.33
CA ARG B 181 -27.51 0.37 7.54
C ARG B 181 -27.36 -0.98 8.24
N PRO B 182 -26.54 -1.89 7.69
CA PRO B 182 -26.26 -3.15 8.42
C PRO B 182 -25.43 -2.91 9.70
N GLU B 183 -25.62 -3.65 10.80
CA GLU B 183 -24.98 -3.27 12.10
C GLU B 183 -23.45 -2.99 12.10
N GLY B 184 -22.76 -3.87 11.41
CA GLY B 184 -21.30 -3.77 11.27
C GLY B 184 -20.73 -2.75 10.30
N TYR B 185 -21.55 -2.08 9.50
CA TYR B 185 -21.00 -1.07 8.60
CA TYR B 185 -21.01 -1.07 8.61
C TYR B 185 -20.58 0.12 9.46
N CYS B 186 -19.33 0.52 9.32
CA CYS B 186 -18.75 1.51 10.21
CA CYS B 186 -18.75 1.51 10.21
C CYS B 186 -17.82 2.44 9.48
N VAL B 187 -17.53 3.54 10.13
CA VAL B 187 -16.64 4.56 9.62
C VAL B 187 -15.51 4.74 10.61
N PHE B 188 -14.29 4.73 10.10
CA PHE B 188 -13.08 4.96 10.87
C PHE B 188 -12.41 6.28 10.49
N GLU B 189 -11.97 7.04 11.49
CA GLU B 189 -11.09 8.17 11.26
C GLU B 189 -9.66 7.77 11.67
N LEU B 190 -8.75 7.81 10.71
CA LEU B 190 -7.34 7.59 10.98
C LEU B 190 -6.76 8.94 11.40
N ARG B 191 -6.54 9.06 12.72
CA ARG B 191 -6.02 10.29 13.32
CA ARG B 191 -6.03 10.29 13.33
C ARG B 191 -4.52 10.25 13.24
N LEU B 192 -3.96 11.17 12.44
CA LEU B 192 -2.59 11.05 12.06
C LEU B 192 -1.57 11.42 13.15
N GLU B 193 -0.51 10.62 13.26
CA GLU B 193 0.62 10.90 14.14
CA GLU B 193 0.62 10.90 14.15
C GLU B 193 1.90 11.20 13.35
N SER B 194 1.97 10.74 12.11
CA SER B 194 3.08 11.08 11.21
C SER B 194 2.63 10.97 9.75
N LEU B 195 3.32 11.71 8.87
CA LEU B 195 3.04 11.71 7.44
C LEU B 195 4.36 11.84 6.71
N GLU B 196 4.43 11.24 5.50
CA GLU B 196 5.53 11.54 4.58
C GLU B 196 4.95 11.90 3.21
N PHE B 197 5.46 12.98 2.63
CA PHE B 197 5.20 13.34 1.24
C PHE B 197 6.46 13.04 0.45
N TRP B 198 6.36 12.22 -0.59
CA TRP B 198 7.49 11.75 -1.39
C TRP B 198 7.31 12.17 -2.84
N GLY B 199 8.29 12.89 -3.37
CA GLY B 199 8.32 13.25 -4.78
C GLY B 199 9.59 12.76 -5.42
N ASN B 200 9.56 12.58 -6.74
CA ASN B 200 10.70 11.97 -7.41
C ASN B 200 11.96 12.83 -7.36
N GLY B 201 11.78 14.14 -7.33
CA GLY B 201 12.94 15.03 -7.25
C GLY B 201 13.75 15.06 -8.54
N GLN B 202 14.96 15.64 -8.44
CA GLN B 202 15.89 15.79 -9.57
C GLN B 202 17.13 14.95 -9.29
N GLU B 203 17.70 14.36 -10.35
CA GLU B 203 18.93 13.54 -10.24
C GLU B 203 18.83 12.42 -9.24
N ARG B 204 17.62 11.87 -9.10
CA ARG B 204 17.34 10.75 -8.19
CA ARG B 204 17.34 10.75 -8.19
C ARG B 204 17.43 11.12 -6.70
N LEU B 205 17.54 12.41 -6.39
CA LEU B 205 17.48 12.83 -5.00
C LEU B 205 15.99 12.98 -4.64
N HIS B 206 15.39 11.85 -4.36
CA HIS B 206 13.96 11.84 -4.09
C HIS B 206 13.69 12.73 -2.89
N GLU B 207 12.61 13.48 -2.98
CA GLU B 207 12.27 14.53 -2.03
C GLU B 207 11.28 13.98 -1.01
N ARG B 208 11.75 13.84 0.24
CA ARG B 208 10.99 13.17 1.29
C ARG B 208 10.77 14.16 2.44
N LEU B 209 9.54 14.56 2.64
CA LEU B 209 9.13 15.52 3.64
C LEU B 209 8.35 14.80 4.73
N ARG B 210 8.94 14.70 5.93
CA ARG B 210 8.43 13.88 7.04
C ARG B 210 7.95 14.71 8.20
N TYR B 211 6.73 14.43 8.66
CA TYR B 211 6.14 15.10 9.79
C TYR B 211 5.86 14.10 10.93
N ASP B 212 6.08 14.54 12.15
CA ASP B 212 5.77 13.78 13.36
C ASP B 212 5.10 14.69 14.36
N ARG B 213 4.02 14.26 14.97
CA ARG B 213 3.31 15.11 15.94
CA ARG B 213 3.32 15.10 15.94
C ARG B 213 4.21 15.38 17.14
N SER B 214 4.17 16.61 17.64
CA SER B 214 4.92 17.04 18.83
C SER B 214 3.87 17.32 19.89
N ASP B 215 4.32 17.74 21.07
CA ASP B 215 3.37 17.97 22.16
CA ASP B 215 3.38 17.98 22.16
C ASP B 215 2.43 19.09 21.75
N THR B 216 3.08 20.00 21.03
N THR B 216 2.87 20.02 20.91
CA THR B 216 2.54 21.20 20.46
CA THR B 216 2.02 21.17 20.59
C THR B 216 2.90 21.26 18.95
C THR B 216 1.52 21.26 19.12
N GLY B 217 1.91 20.91 18.12
N GLY B 217 2.38 20.90 18.19
CA GLY B 217 2.05 21.00 16.67
CA GLY B 217 2.08 20.94 16.77
C GLY B 217 2.77 19.81 16.10
C GLY B 217 2.77 19.78 16.08
N TRP B 218 3.70 20.10 15.18
CA TRP B 218 4.43 19.09 14.45
C TRP B 218 5.90 19.39 14.36
N ASN B 219 6.72 18.32 14.30
CA ASN B 219 8.12 18.43 13.90
C ASN B 219 8.21 18.05 12.40
N VAL B 220 9.06 18.74 11.66
CA VAL B 220 9.20 18.50 10.24
C VAL B 220 10.69 18.30 9.95
N ARG B 221 10.95 17.33 9.08
CA ARG B 221 12.30 16.93 8.69
CA ARG B 221 12.30 17.12 8.62
C ARG B 221 12.31 16.53 7.21
N ARG B 222 13.46 16.55 6.58
CA ARG B 222 13.67 15.91 5.26
C ARG B 222 14.34 14.58 5.55
N LEU B 223 14.06 13.56 4.73
CA LEU B 223 14.71 12.28 4.88
C LEU B 223 15.58 11.94 3.66
N GLN B 224 16.63 11.16 3.88
CA GLN B 224 17.50 10.76 2.81
C GLN B 224 16.77 9.74 1.93
N PRO B 225 16.97 9.82 0.59
CA PRO B 225 16.22 8.97 -0.36
C PRO B 225 16.61 7.52 -0.33
N1 FMN C . 12.66 1.92 -2.19
C2 FMN C . 13.38 0.79 -2.09
O2 FMN C . 14.20 0.65 -1.19
N3 FMN C . 13.21 -0.24 -2.99
C4 FMN C . 12.34 -0.15 -4.05
O4 FMN C . 12.22 -1.10 -4.82
C4A FMN C . 11.64 1.05 -4.19
N5 FMN C . 10.79 1.19 -5.24
C5A FMN C . 10.01 2.35 -5.32
C6 FMN C . 9.04 2.49 -6.33
C7 FMN C . 8.23 3.60 -6.44
C7M FMN C . 7.20 3.69 -7.52
C8 FMN C . 8.35 4.60 -5.50
C8M FMN C . 7.50 5.83 -5.54
C9 FMN C . 9.30 4.49 -4.48
C9A FMN C . 10.12 3.36 -4.37
N10 FMN C . 11.07 3.21 -3.35
C10 FMN C . 11.79 2.04 -3.23
C1' FMN C . 11.20 4.24 -2.25
C2' FMN C . 10.32 3.76 -1.06
O2' FMN C . 8.95 4.04 -1.33
C3' FMN C . 10.70 4.46 0.25
O3' FMN C . 10.81 5.88 0.08
C4' FMN C . 12.08 3.99 0.77
O4' FMN C . 12.32 2.60 0.46
C5' FMN C . 12.18 4.23 2.25
O5' FMN C . 11.10 3.56 2.91
P FMN C . 11.11 3.41 4.53
O1P FMN C . 11.98 2.22 4.84
O2P FMN C . 11.65 4.72 5.11
O3P FMN C . 9.66 3.21 4.88
HN3 FMN C . 13.77 -1.11 -2.88
H6 FMN C . 8.95 1.68 -7.07
HM71 FMN C . 6.64 4.61 -7.41
HM72 FMN C . 7.70 3.67 -8.49
HM73 FMN C . 6.52 2.83 -7.44
HM81 FMN C . 7.77 6.49 -4.71
HM82 FMN C . 7.67 6.35 -6.48
HM83 FMN C . 6.46 5.55 -5.45
H9 FMN C . 9.39 5.30 -3.75
H1'1 FMN C . 12.24 4.32 -1.93
H1'2 FMN C . 10.86 5.21 -2.60
H2' FMN C . 10.46 2.69 -0.95
HO2' FMN C . 8.58 4.59 -0.61
H3' FMN C . 9.96 4.22 1.00
HO3' FMN C . 11.71 6.17 0.35
H4' FMN C . 12.85 4.60 0.29
HO4' FMN C . 12.50 2.10 1.29
H5'1 FMN C . 12.12 5.30 2.46
H5'2 FMN C . 13.13 3.86 2.63
S SO4 D . 6.47 6.47 20.64
O1 SO4 D . 7.39 5.77 19.73
O2 SO4 D . 7.26 7.44 21.38
O3 SO4 D . 5.41 7.10 19.86
O4 SO4 D . 5.88 5.53 21.60
S SO4 E . -16.96 -24.97 -6.60
O1 SO4 E . -15.69 -24.55 -7.20
O2 SO4 E . -17.03 -24.55 -5.19
O3 SO4 E . -18.07 -24.36 -7.33
O4 SO4 E . -17.06 -26.42 -6.69
S SO4 F . 10.38 -12.66 -12.94
O1 SO4 F . 11.18 -13.00 -14.12
O2 SO4 F . 10.60 -11.23 -12.64
O3 SO4 F . 8.95 -12.87 -13.21
O4 SO4 F . 10.78 -13.51 -11.80
N1 FMN G . -13.32 -2.23 1.20
C2 FMN G . -13.86 -1.47 2.22
O2 FMN G . -14.31 -2.03 3.23
N3 FMN G . -13.89 -0.09 2.11
C4 FMN G . -13.44 0.56 1.00
O4 FMN G . -13.46 1.81 0.99
C4A FMN G . -12.98 -0.21 -0.07
N5 FMN G . -12.56 0.39 -1.22
C5A FMN G . -12.03 -0.36 -2.26
C6 FMN G . -11.57 0.28 -3.40
C7 FMN G . -10.99 -0.45 -4.43
C7M FMN G . -10.46 0.28 -5.64
C8 FMN G . -10.88 -1.83 -4.31
C8M FMN G . -10.23 -2.67 -5.37
C9 FMN G . -11.34 -2.50 -3.16
C9A FMN G . -11.92 -1.75 -2.11
N10 FMN G . -12.41 -2.36 -0.95
C10 FMN G . -12.91 -1.60 0.07
C1' FMN G . -12.29 -3.83 -0.72
C2' FMN G . -11.03 -4.12 0.08
O2' FMN G . -9.85 -4.00 -0.72
C3' FMN G . -11.05 -5.50 0.73
O3' FMN G . -11.31 -6.52 -0.23
C4' FMN G . -12.12 -5.62 1.84
O4' FMN G . -12.30 -4.42 2.57
C5' FMN G . -11.76 -6.76 2.79
O5' FMN G . -10.48 -6.47 3.38
P FMN G . -9.97 -7.34 4.63
O1P FMN G . -10.59 -6.70 5.83
O2P FMN G . -10.42 -8.77 4.46
O3P FMN G . -8.46 -7.18 4.58
HN3 FMN G . -14.26 0.46 2.91
H6 FMN G . -11.64 1.36 -3.48
HM71 FMN G . -10.03 -0.43 -6.33
HM72 FMN G . -11.28 0.81 -6.12
HM73 FMN G . -9.70 1.00 -5.32
HM81 FMN G . -10.22 -3.71 -5.06
HM82 FMN G . -9.21 -2.32 -5.52
HM83 FMN G . -10.79 -2.57 -6.30
H9 FMN G . -11.09 -3.55 -3.01
H1'1 FMN G . -12.26 -4.35 -1.68
H1'2 FMN G . -13.17 -4.18 -0.18
H2' FMN G . -10.98 -3.40 0.90
HO2' FMN G . -9.33 -4.82 -0.66
H3' FMN G . -10.07 -5.68 1.18
HO3' FMN G . -12.10 -7.03 0.05
H4' FMN G . -13.06 -5.88 1.35
HO4' FMN G . -12.16 -4.59 3.52
H5'1 FMN G . -11.71 -7.71 2.25
H5'2 FMN G . -12.51 -6.84 3.58
N1 FMN H . -14.52 0.97 -5.12
C2 FMN H . -14.12 0.10 -6.14
O2 FMN H . -13.67 0.56 -7.21
N3 FMN H . -14.20 -1.26 -5.95
C4 FMN H . -14.68 -1.75 -4.75
O4 FMN H . -14.79 -2.94 -4.49
C4A FMN H . -15.06 -0.90 -3.75
N5 FMN H . -15.50 -1.48 -2.58
C5A FMN H . -15.90 -0.67 -1.55
C6 FMN H . -16.35 -1.29 -0.39
C7 FMN H . -16.77 -0.50 0.66
C7M FMN H . -17.25 -1.16 1.94
C8 FMN H . -16.70 0.89 0.52
C8M FMN H . -17.13 1.73 1.66
C9 FMN H . -16.26 1.51 -0.64
C9A FMN H . -15.86 0.70 -1.70
N10 FMN H . -15.39 1.26 -2.87
C10 FMN H . -14.98 0.47 -3.92
C1' FMN H . -15.28 2.75 -2.99
C2' FMN H . -16.49 3.44 -3.49
O2' FMN H . -16.67 2.97 -4.82
C3' FMN H . -16.24 4.94 -3.41
O3' FMN H . -15.17 5.21 -4.29
C4' FMN H . -15.91 5.45 -2.00
O4' FMN H . -16.51 4.62 -1.01
C5' FMN H . -16.36 6.89 -1.77
O5' FMN H . -16.64 7.47 -3.03
P FMN H . -16.68 9.06 -3.31
O1P FMN H . -15.67 9.36 -4.39
O2P FMN H . -18.08 9.40 -3.79
O3P FMN H . -16.32 9.80 -2.02
HN3 FMN H . -14.09 -1.90 -6.76
H6 FMN H . -16.20 -2.36 -0.24
HM71 FMN H . -17.52 -0.40 2.66
HM72 FMN H . -18.12 -1.79 1.72
HM73 FMN H . -16.46 -1.79 2.36
HM81 FMN H . -17.01 2.78 1.39
HM82 FMN H . -16.51 1.51 2.53
HM83 FMN H . -18.17 1.53 1.90
H9 FMN H . -16.47 2.56 -0.82
H1'1 FMN H . -14.44 2.97 -3.66
H1'2 FMN H . -15.02 3.15 -2.01
H2' FMN H . -17.35 3.18 -2.86
HO2' FMN H . -16.61 3.71 -5.44
H3' FMN H . -17.13 5.46 -3.76
HO3' FMN H . -14.45 5.67 -3.80
H4' FMN H . -14.83 5.41 -1.87
HO4' FMN H . -17.06 5.16 -0.41
H5'1 FMN H . -15.57 7.45 -1.26
H5'2 FMN H . -17.26 6.91 -1.14
S SO4 I . -13.20 15.82 1.20
O1 SO4 I . -12.06 16.19 0.35
O2 SO4 I . -12.87 15.95 2.64
O3 SO4 I . -14.27 16.80 0.94
O4 SO4 I . -13.69 14.47 0.86
#